data_1Z85
#
_entry.id   1Z85
#
_cell.length_a   65.652
_cell.length_b   82.473
_cell.length_c   106.264
_cell.angle_alpha   90.000
_cell.angle_beta   90.000
_cell.angle_gamma   90.000
#
_symmetry.space_group_name_H-M   'P 21 21 21'
#
loop_
_entity.id
_entity.type
_entity.pdbx_description
1 polymer 'hypothetical protein TM1380'
2 non-polymer 'CHLORIDE ION'
3 non-polymer 1,2-ETHANEDIOL
4 water water
#
_entity_poly.entity_id   1
_entity_poly.type   'polypeptide(L)'
_entity_poly.pdbx_seq_one_letter_code
;(MSE)GSDKIHHHHHH(MSE)PHLFYGTAQNGEVIFDEREAHH(MSE)RVVRLKEGDVIEATDGNGFSYTCILKSLKKKT
AAAKIVKVEEKEKEPTEKLSVVVPIGRWERTRFLIEKCVELGVDEIFFHKFERSQHEISLDKAKIVVREAAKQCKRYLFP
KVSFLEKLEFSGNVITLDLDASQNLLDANLEGSITVVVGPEGGFSEKERELLRSSTTIVSLGKKILRFETAAILTVGYIA
LKKQKI
;
_entity_poly.pdbx_strand_id   A,B
#
# COMPACT_ATOMS: atom_id res chain seq x y z
N PRO A 14 0.40 -13.12 20.59
CA PRO A 14 0.70 -12.15 21.63
C PRO A 14 -0.10 -10.90 21.34
N HIS A 15 -1.24 -10.77 21.98
CA HIS A 15 -2.15 -9.70 21.70
C HIS A 15 -1.84 -8.51 22.57
N LEU A 16 -2.39 -7.37 22.19
CA LEU A 16 -2.23 -6.18 22.93
C LEU A 16 -3.62 -5.60 23.04
N PHE A 17 -4.01 -5.24 24.27
CA PHE A 17 -5.37 -4.76 24.57
C PHE A 17 -5.26 -3.34 24.99
N TYR A 18 -6.37 -2.63 24.97
CA TYR A 18 -6.37 -1.25 25.25
C TYR A 18 -7.27 -1.01 26.49
N GLY A 19 -6.74 -0.35 27.51
CA GLY A 19 -7.50 -0.14 28.73
C GLY A 19 -7.19 1.17 29.43
N THR A 20 -7.81 1.37 30.61
CA THR A 20 -7.63 2.56 31.44
C THR A 20 -6.94 2.14 32.73
N ALA A 21 -5.79 2.77 32.99
CA ALA A 21 -4.98 2.46 34.16
C ALA A 21 -5.38 3.36 35.38
N GLN A 22 -5.67 2.73 36.49
CA GLN A 22 -6.07 3.44 37.68
C GLN A 22 -5.72 2.60 38.93
N ASN A 23 -4.95 3.20 39.84
CA ASN A 23 -4.64 2.64 41.15
C ASN A 23 -4.20 1.17 41.12
N GLY A 24 -3.35 0.84 40.15
CA GLY A 24 -2.72 -0.49 40.12
C GLY A 24 -3.41 -1.56 39.31
N GLU A 25 -4.50 -1.21 38.65
CA GLU A 25 -5.16 -2.10 37.71
C GLU A 25 -5.46 -1.40 36.37
N VAL A 26 -5.67 -2.21 35.31
CA VAL A 26 -6.18 -1.71 34.03
C VAL A 26 -7.58 -2.26 33.88
N ILE A 27 -8.51 -1.36 33.61
CA ILE A 27 -9.88 -1.71 33.30
C ILE A 27 -10.16 -1.58 31.78
N PHE A 28 -11.03 -2.45 31.29
CA PHE A 28 -11.34 -2.64 29.90
C PHE A 28 -12.84 -2.63 29.65
N ASP A 29 -13.23 -2.21 28.46
CA ASP A 29 -14.66 -2.09 28.09
C ASP A 29 -15.10 -3.39 27.42
N GLU A 30 -16.34 -3.45 26.98
CA GLU A 30 -16.94 -4.64 26.37
C GLU A 30 -16.28 -5.04 25.05
N ARG A 31 -15.89 -4.06 24.24
CA ARG A 31 -15.06 -4.37 23.05
C ARG A 31 -13.84 -5.21 23.42
N GLU A 32 -13.11 -4.82 24.43
CA GLU A 32 -11.88 -5.58 24.78
C GLU A 32 -12.19 -6.93 25.42
N ALA A 33 -13.20 -6.95 26.29
CA ALA A 33 -13.68 -8.17 26.94
C ALA A 33 -14.11 -9.20 25.93
N HIS A 34 -14.91 -8.76 24.98
CA HIS A 34 -15.32 -9.66 23.91
C HIS A 34 -14.08 -10.23 23.16
N HIS A 35 -13.19 -9.34 22.77
CA HIS A 35 -11.91 -9.75 22.13
C HIS A 35 -11.10 -10.75 22.96
N ARG A 37 -12.34 -12.89 25.00
CA ARG A 37 -13.05 -14.19 24.85
C ARG A 37 -12.81 -14.84 23.50
N VAL A 38 -12.77 -14.04 22.42
CA VAL A 38 -12.46 -14.58 21.09
C VAL A 38 -11.08 -15.24 21.10
N VAL A 39 -10.10 -14.67 21.79
CA VAL A 39 -8.77 -15.29 21.78
C VAL A 39 -8.55 -16.27 22.95
N ARG A 40 -9.62 -16.57 23.68
CA ARG A 40 -9.67 -17.67 24.64
C ARG A 40 -8.86 -17.35 25.85
N LEU A 41 -8.83 -16.09 26.25
CA LEU A 41 -8.16 -15.72 27.50
C LEU A 41 -9.07 -16.01 28.69
N LYS A 42 -8.47 -16.33 29.84
CA LYS A 42 -9.18 -16.60 31.08
C LYS A 42 -8.54 -15.84 32.25
N GLU A 43 -9.34 -15.64 33.29
CA GLU A 43 -8.84 -15.05 34.53
C GLU A 43 -7.63 -15.84 35.02
N GLY A 44 -6.57 -15.12 35.32
CA GLY A 44 -5.30 -15.70 35.73
C GLY A 44 -4.21 -15.61 34.67
N ASP A 45 -4.60 -15.43 33.40
CA ASP A 45 -3.61 -15.25 32.33
C ASP A 45 -2.88 -13.88 32.42
N VAL A 46 -1.63 -13.87 31.98
CA VAL A 46 -0.83 -12.67 31.79
C VAL A 46 -1.18 -12.06 30.48
N ILE A 47 -1.54 -10.78 30.49
CA ILE A 47 -1.88 -10.05 29.29
C ILE A 47 -0.96 -8.78 29.24
N GLU A 48 -0.83 -8.19 28.04
CA GLU A 48 -0.27 -6.87 27.82
C GLU A 48 -1.36 -5.92 27.34
N ALA A 49 -1.47 -4.76 27.99
CA ALA A 49 -2.31 -3.65 27.61
C ALA A 49 -1.48 -2.37 27.41
N THR A 50 -2.05 -1.44 26.69
CA THR A 50 -1.51 -0.11 26.54
C THR A 50 -2.62 0.84 26.99
N ASP A 51 -2.24 2.00 27.47
CA ASP A 51 -3.18 3.12 27.78
C ASP A 51 -3.48 4.06 26.58
N GLY A 52 -2.69 3.91 25.51
CA GLY A 52 -2.75 4.73 24.34
C GLY A 52 -2.00 6.03 24.51
N ASN A 53 -1.21 6.10 25.61
CA ASN A 53 -0.45 7.28 26.01
C ASN A 53 1.06 7.00 26.04
N GLY A 54 1.49 5.92 25.41
CA GLY A 54 2.92 5.63 25.22
C GLY A 54 3.41 4.48 26.10
N PHE A 55 2.54 3.94 26.95
CA PHE A 55 2.99 2.94 27.94
C PHE A 55 2.40 1.56 27.68
N SER A 56 3.19 0.56 28.03
CA SER A 56 2.83 -0.86 28.02
C SER A 56 2.71 -1.28 29.47
N TYR A 57 1.70 -2.10 29.76
CA TYR A 57 1.41 -2.61 31.09
C TYR A 57 1.33 -4.14 30.98
N THR A 58 2.22 -4.87 31.67
CA THR A 58 2.09 -6.32 31.81
C THR A 58 1.22 -6.54 33.06
N CYS A 59 0.10 -7.22 32.86
CA CYS A 59 -0.88 -7.42 33.91
C CYS A 59 -1.24 -8.89 34.07
N ILE A 60 -1.85 -9.21 35.19
CA ILE A 60 -2.51 -10.51 35.37
C ILE A 60 -4.02 -10.28 35.30
N LEU A 61 -4.67 -10.98 34.40
CA LEU A 61 -6.10 -10.84 34.23
C LEU A 61 -6.90 -11.33 35.47
N LYS A 62 -7.67 -10.46 36.07
CA LYS A 62 -8.29 -10.82 37.34
C LYS A 62 -9.75 -11.09 37.13
N SER A 63 -10.43 -10.28 36.33
CA SER A 63 -11.84 -10.44 36.12
C SER A 63 -12.16 -10.29 34.64
N LEU A 64 -12.93 -11.23 34.07
CA LEU A 64 -13.32 -11.17 32.68
C LEU A 64 -14.81 -11.42 32.67
N LYS A 65 -15.57 -10.33 32.61
CA LYS A 65 -17.01 -10.37 32.63
C LYS A 65 -17.54 -9.97 31.27
N LYS A 66 -18.85 -10.05 31.13
CA LYS A 66 -19.49 -9.80 29.85
C LYS A 66 -19.23 -8.40 29.30
N LYS A 67 -19.50 -7.39 30.16
CA LYS A 67 -19.40 -5.98 29.74
C LYS A 67 -18.05 -5.30 30.06
N THR A 68 -17.21 -5.94 30.87
CA THR A 68 -16.02 -5.34 31.44
C THR A 68 -14.93 -6.37 31.76
N ALA A 69 -13.68 -5.90 31.88
CA ALA A 69 -12.58 -6.71 32.41
C ALA A 69 -11.67 -5.88 33.28
N ALA A 70 -10.87 -6.55 34.10
CA ALA A 70 -9.90 -5.92 34.99
C ALA A 70 -8.70 -6.83 35.18
N ALA A 71 -7.52 -6.20 35.16
CA ALA A 71 -6.22 -6.88 35.33
C ALA A 71 -5.37 -6.07 36.33
N LYS A 72 -4.57 -6.80 37.12
CA LYS A 72 -3.61 -6.24 38.06
C LYS A 72 -2.29 -5.95 37.38
N ILE A 73 -1.81 -4.71 37.51
CA ILE A 73 -0.58 -4.30 36.92
C ILE A 73 0.57 -4.90 37.65
N VAL A 74 1.48 -5.48 36.88
CA VAL A 74 2.67 -6.16 37.36
C VAL A 74 3.93 -5.42 36.88
N LYS A 75 3.90 -4.84 35.69
CA LYS A 75 5.06 -4.13 35.16
C LYS A 75 4.60 -3.06 34.20
N VAL A 76 5.33 -1.94 34.18
CA VAL A 76 5.00 -0.85 33.28
C VAL A 76 6.26 -0.45 32.58
N GLU A 77 6.17 -0.29 31.26
CA GLU A 77 7.27 0.08 30.38
C GLU A 77 6.84 1.24 29.45
N GLU A 78 7.64 2.30 29.44
CA GLU A 78 7.42 3.42 28.53
C GLU A 78 7.95 3.03 27.15
N LYS A 79 7.06 3.06 26.17
CA LYS A 79 7.36 2.59 24.83
C LYS A 79 7.61 3.73 23.84
N GLU A 80 6.80 4.77 23.91
CA GLU A 80 6.74 5.84 22.94
C GLU A 80 6.50 7.17 23.70
N LYS A 81 7.22 8.25 23.33
CA LYS A 81 7.00 9.59 23.91
C LYS A 81 6.44 10.51 22.84
N GLU A 82 5.98 11.68 23.24
CA GLU A 82 5.42 12.66 22.32
C GLU A 82 6.59 13.20 21.48
N PRO A 83 6.42 13.36 20.17
CA PRO A 83 7.59 13.87 19.42
C PRO A 83 7.72 15.36 19.52
N THR A 84 8.93 15.87 19.29
CA THR A 84 9.12 17.33 19.23
C THR A 84 8.36 17.93 18.04
N GLU A 85 8.51 17.29 16.90
CA GLU A 85 8.03 17.80 15.64
C GLU A 85 6.91 16.85 15.19
N LYS A 86 5.74 17.41 14.89
CA LYS A 86 4.54 16.62 14.65
C LYS A 86 4.26 16.42 13.16
N LEU A 87 3.65 15.30 12.82
CA LEU A 87 3.15 15.05 11.48
C LEU A 87 1.64 14.93 11.60
N SER A 88 0.93 15.87 11.00
CA SER A 88 -0.54 15.92 11.00
C SER A 88 -1.04 15.69 9.57
N VAL A 89 -2.20 15.03 9.44
CA VAL A 89 -2.79 14.74 8.17
C VAL A 89 -4.25 15.13 8.24
N VAL A 90 -4.72 15.89 7.25
CA VAL A 90 -6.16 16.15 7.09
C VAL A 90 -6.73 15.08 6.17
N VAL A 91 -7.64 14.29 6.73
CA VAL A 91 -8.28 13.19 6.04
C VAL A 91 -9.67 13.61 5.58
N PRO A 92 -9.98 13.43 4.27
CA PRO A 92 -11.34 13.74 3.83
C PRO A 92 -12.36 12.78 4.41
N ILE A 93 -13.53 13.33 4.73
CA ILE A 93 -14.67 12.57 5.12
C ILE A 93 -15.41 12.18 3.85
N GLY A 94 -15.21 10.92 3.43
CA GLY A 94 -15.81 10.41 2.18
C GLY A 94 -16.34 9.02 2.41
N ARG A 95 -16.24 8.21 1.36
CA ARG A 95 -16.75 6.83 1.42
C ARG A 95 -15.99 6.05 2.49
N TRP A 96 -16.74 5.34 3.31
CA TRP A 96 -16.18 4.78 4.52
C TRP A 96 -14.92 3.99 4.21
N GLU A 97 -14.91 3.28 3.11
CA GLU A 97 -13.84 2.31 2.85
C GLU A 97 -12.52 3.04 2.63
N ARG A 98 -12.61 4.22 2.01
CA ARG A 98 -11.47 5.08 1.82
C ARG A 98 -11.05 5.74 3.12
N THR A 99 -12.00 6.29 3.85
CA THR A 99 -11.71 6.95 5.12
C THR A 99 -11.02 5.99 6.07
N ARG A 100 -11.55 4.77 6.19
CA ARG A 100 -10.99 3.80 7.10
C ARG A 100 -9.58 3.41 6.76
N PHE A 101 -9.33 3.23 5.47
CA PHE A 101 -7.96 2.98 5.00
C PHE A 101 -6.99 4.10 5.38
N LEU A 102 -7.38 5.35 5.14
CA LEU A 102 -6.52 6.48 5.50
C LEU A 102 -6.27 6.56 7.00
N ILE A 103 -7.27 6.32 7.84
CA ILE A 103 -7.08 6.31 9.28
C ILE A 103 -6.01 5.27 9.65
N GLU A 104 -6.11 4.07 9.11
CA GLU A 104 -5.22 2.98 9.45
C GLU A 104 -3.81 3.23 8.97
N LYS A 105 -3.65 3.83 7.81
CA LYS A 105 -2.34 4.22 7.34
C LYS A 105 -1.76 5.32 8.18
N CYS A 106 -2.57 6.28 8.61
CA CYS A 106 -2.06 7.27 9.62
C CYS A 106 -1.54 6.59 10.86
N VAL A 107 -2.28 5.61 11.38
CA VAL A 107 -1.79 4.90 12.57
C VAL A 107 -0.46 4.23 12.31
N GLU A 108 -0.38 3.50 11.20
CA GLU A 108 0.78 2.68 10.89
C GLU A 108 2.01 3.47 10.46
N LEU A 109 1.82 4.61 9.82
CA LEU A 109 2.96 5.42 9.29
C LEU A 109 3.44 6.51 10.24
N GLY A 110 3.00 6.43 11.48
CA GLY A 110 3.48 7.37 12.51
C GLY A 110 2.99 8.82 12.41
N VAL A 111 1.85 9.04 11.77
CA VAL A 111 1.19 10.33 11.85
C VAL A 111 0.79 10.54 13.33
N ASP A 112 0.89 11.75 13.80
CA ASP A 112 0.70 12.09 15.21
C ASP A 112 -0.72 12.59 15.47
N GLU A 113 -1.30 13.26 14.47
CA GLU A 113 -2.60 13.82 14.61
C GLU A 113 -3.39 13.78 13.28
N ILE A 114 -4.67 13.46 13.37
CA ILE A 114 -5.56 13.23 12.21
C ILE A 114 -6.73 14.20 12.38
N PHE A 115 -7.02 14.97 11.35
CA PHE A 115 -8.10 16.00 11.33
C PHE A 115 -9.03 15.62 10.20
N PHE A 116 -10.31 15.48 10.50
CA PHE A 116 -11.27 15.12 9.45
C PHE A 116 -11.94 16.37 8.88
N HIS A 117 -11.97 16.45 7.56
CA HIS A 117 -12.63 17.55 6.87
C HIS A 117 -13.60 17.04 5.81
N LYS A 118 -14.84 17.54 5.79
CA LYS A 118 -15.74 17.23 4.68
C LYS A 118 -15.57 18.24 3.58
N PHE A 119 -14.96 17.81 2.51
CA PHE A 119 -14.72 18.73 1.45
C PHE A 119 -16.02 18.99 0.74
N GLU A 120 -16.00 20.01 -0.11
CA GLU A 120 -17.22 20.46 -0.75
C GLU A 120 -17.99 19.44 -1.60
N ARG A 121 -17.29 18.52 -2.27
CA ARG A 121 -17.93 17.50 -3.11
C ARG A 121 -18.15 16.16 -2.38
N SER A 122 -18.00 16.13 -1.06
CA SER A 122 -18.40 14.96 -0.31
C SER A 122 -19.71 15.25 0.39
N GLN A 123 -20.61 14.27 0.46
CA GLN A 123 -21.79 14.49 1.30
C GLN A 123 -21.72 13.64 2.58
N HIS A 124 -20.59 12.98 2.79
CA HIS A 124 -20.46 12.04 3.88
C HIS A 124 -20.24 12.71 5.24
N GLU A 125 -20.42 11.92 6.29
CA GLU A 125 -20.31 12.38 7.66
C GLU A 125 -19.61 11.29 8.44
N ILE A 126 -18.94 11.62 9.55
CA ILE A 126 -18.32 10.59 10.40
C ILE A 126 -18.54 10.93 11.88
N SER A 127 -18.65 9.91 12.72
CA SER A 127 -18.69 10.09 14.17
C SER A 127 -17.25 9.92 14.67
N LEU A 128 -16.75 10.80 15.54
CA LEU A 128 -15.37 10.63 16.05
C LEU A 128 -15.25 9.33 16.85
N ASP A 129 -16.33 8.89 17.51
CA ASP A 129 -16.32 7.61 18.24
C ASP A 129 -15.97 6.43 17.33
N LYS A 130 -16.57 6.40 16.15
CA LYS A 130 -16.29 5.36 15.22
C LYS A 130 -14.85 5.44 14.70
N ALA A 131 -14.38 6.64 14.37
CA ALA A 131 -12.95 6.83 13.99
C ALA A 131 -12.01 6.38 15.07
N LYS A 132 -12.34 6.67 16.31
CA LYS A 132 -11.44 6.26 17.41
C LYS A 132 -11.34 4.76 17.53
N ILE A 133 -12.44 4.08 17.22
CA ILE A 133 -12.40 2.61 17.31
C ILE A 133 -11.47 2.10 16.26
N VAL A 134 -11.47 2.69 15.06
CA VAL A 134 -10.54 2.28 14.00
C VAL A 134 -9.13 2.50 14.40
N VAL A 135 -8.86 3.68 14.99
CA VAL A 135 -7.53 3.95 15.56
C VAL A 135 -7.14 2.88 16.60
N ARG A 136 -8.03 2.62 17.55
CA ARG A 136 -7.72 1.63 18.59
C ARG A 136 -7.32 0.28 18.03
N GLU A 137 -8.16 -0.25 17.16
CA GLU A 137 -7.96 -1.59 16.64
C GLU A 137 -6.71 -1.66 15.78
N ALA A 138 -6.41 -0.61 15.00
CA ALA A 138 -5.17 -0.53 14.18
C ALA A 138 -3.96 -0.44 15.03
N ALA A 139 -4.08 0.35 16.10
CA ALA A 139 -2.95 0.53 17.04
C ALA A 139 -2.67 -0.72 17.87
N LYS A 140 -3.72 -1.41 18.30
CA LYS A 140 -3.55 -2.73 18.93
C LYS A 140 -2.84 -3.68 17.99
N GLN A 141 -3.30 -3.73 16.75
CA GLN A 141 -2.70 -4.66 15.73
C GLN A 141 -1.25 -4.32 15.40
N CYS A 142 -0.93 -3.03 15.29
CA CYS A 142 0.40 -2.57 14.96
C CYS A 142 1.33 -2.46 16.15
N LYS A 143 0.85 -2.64 17.38
CA LYS A 143 1.59 -2.36 18.60
C LYS A 143 2.09 -0.91 18.59
N ARG A 144 1.20 0.04 18.31
CA ARG A 144 1.45 1.42 18.55
C ARG A 144 0.85 1.83 19.92
N TYR A 145 1.70 2.27 20.83
CA TYR A 145 1.37 2.55 22.21
C TYR A 145 0.93 4.01 22.47
N LEU A 146 1.41 4.95 21.66
CA LEU A 146 0.93 6.34 21.74
C LEU A 146 0.01 6.59 20.55
N PHE A 147 -1.30 6.58 20.79
CA PHE A 147 -2.26 6.62 19.72
C PHE A 147 -2.30 8.03 19.14
N PRO A 148 -2.61 8.16 17.85
CA PRO A 148 -2.85 9.49 17.33
C PRO A 148 -4.13 10.11 17.82
N LYS A 149 -4.22 11.43 17.90
CA LYS A 149 -5.49 12.09 18.22
C LYS A 149 -6.28 12.34 16.96
N VAL A 150 -7.62 12.34 17.09
CA VAL A 150 -8.51 12.59 15.98
C VAL A 150 -9.35 13.79 16.33
N SER A 151 -9.66 14.64 15.36
CA SER A 151 -10.65 15.77 15.63
C SER A 151 -11.20 16.25 14.32
N PHE A 152 -12.15 17.16 14.36
CA PHE A 152 -12.66 17.75 13.13
C PHE A 152 -11.85 18.96 12.77
N LEU A 153 -11.73 19.23 11.49
CA LEU A 153 -11.19 20.49 11.00
C LEU A 153 -12.31 21.20 10.27
N GLU A 154 -12.85 22.28 10.85
CA GLU A 154 -13.98 22.97 10.21
C GLU A 154 -13.62 23.78 8.96
N LYS A 155 -12.47 24.46 8.97
CA LYS A 155 -12.03 25.28 7.84
C LYS A 155 -10.66 24.87 7.34
N LEU A 156 -10.42 25.02 6.04
CA LEU A 156 -9.10 24.80 5.48
C LEU A 156 -8.31 26.08 5.65
N GLU A 157 -7.86 26.32 6.88
CA GLU A 157 -7.14 27.51 7.24
C GLU A 157 -6.03 27.01 8.08
N PHE A 158 -4.81 27.35 7.62
CA PHE A 158 -3.61 26.75 8.17
C PHE A 158 -2.50 27.78 8.32
N SER A 159 -1.58 27.38 9.20
CA SER A 159 -0.26 28.00 9.45
C SER A 159 0.77 26.86 9.57
N GLY A 160 2.01 27.13 9.22
CA GLY A 160 3.02 26.14 9.36
C GLY A 160 3.23 25.67 7.97
N ASN A 161 4.16 24.73 7.84
CA ASN A 161 4.38 24.05 6.61
C ASN A 161 3.11 23.20 6.50
N VAL A 162 2.31 23.49 5.47
CA VAL A 162 1.24 22.64 5.04
C VAL A 162 1.49 22.30 3.61
N ILE A 163 1.39 21.00 3.27
CA ILE A 163 1.52 20.60 1.88
C ILE A 163 0.23 19.90 1.40
N THR A 164 -0.23 20.30 0.24
CA THR A 164 -1.53 19.86 -0.25
C THR A 164 -1.29 18.85 -1.36
N LEU A 165 -1.86 17.66 -1.18
CA LEU A 165 -1.65 16.50 -2.07
C LEU A 165 -2.88 16.12 -2.86
N ASP A 166 -2.68 15.87 -4.13
CA ASP A 166 -3.68 15.30 -5.02
C ASP A 166 -3.23 13.88 -5.44
N LEU A 167 -3.59 12.87 -4.64
CA LEU A 167 -3.32 11.46 -4.97
C LEU A 167 -3.70 11.03 -6.45
N GLN A 171 4.09 13.18 -7.38
CA GLN A 171 5.44 13.19 -7.97
C GLN A 171 6.03 14.63 -8.01
N ASN A 172 7.37 14.73 -7.91
CA ASN A 172 8.01 15.86 -7.19
C ASN A 172 7.48 16.43 -5.85
N LEU A 173 6.78 15.53 -5.18
CA LEU A 173 6.82 15.42 -3.74
C LEU A 173 8.22 15.13 -3.27
N LEU A 174 9.01 14.48 -4.10
CA LEU A 174 10.40 14.19 -3.77
C LEU A 174 11.25 15.44 -3.61
N ASP A 175 10.73 16.55 -4.13
CA ASP A 175 11.44 17.82 -4.01
C ASP A 175 10.81 18.71 -2.92
N ALA A 176 9.60 18.37 -2.48
CA ALA A 176 8.98 19.13 -1.41
C ALA A 176 9.93 19.32 -0.23
N ASN A 177 9.80 20.47 0.41
CA ASN A 177 10.49 20.75 1.67
C ASN A 177 9.60 20.30 2.78
N LEU A 178 10.07 19.28 3.52
CA LEU A 178 9.28 18.64 4.56
C LEU A 178 9.78 18.99 5.99
N GLU A 179 10.54 20.06 6.12
CA GLU A 179 11.21 20.34 7.38
C GLU A 179 10.23 21.00 8.38
N GLY A 180 10.51 20.81 9.67
CA GLY A 180 9.66 21.25 10.75
C GLY A 180 8.45 20.36 10.94
N SER A 181 7.54 20.77 11.82
CA SER A 181 6.23 20.17 11.87
C SER A 181 5.52 20.46 10.58
N ILE A 182 4.73 19.49 10.15
CA ILE A 182 4.10 19.55 8.86
C ILE A 182 2.71 18.93 8.95
N THR A 183 1.78 19.57 8.21
CA THR A 183 0.44 19.07 7.92
C THR A 183 0.34 18.71 6.44
N VAL A 184 -0.22 17.54 6.16
CA VAL A 184 -0.50 17.04 4.82
C VAL A 184 -2.03 17.00 4.62
N VAL A 185 -2.49 17.68 3.56
CA VAL A 185 -3.90 17.71 3.12
C VAL A 185 -4.06 16.71 1.98
N VAL A 186 -4.78 15.62 2.25
CA VAL A 186 -5.06 14.60 1.28
C VAL A 186 -6.39 15.06 0.63
N GLY A 187 -6.48 15.16 -0.71
CA GLY A 187 -7.71 15.68 -1.31
C GLY A 187 -8.80 14.65 -1.40
N PRO A 188 -10.04 15.11 -1.64
CA PRO A 188 -11.15 14.26 -1.68
C PRO A 188 -11.25 13.48 -2.97
N GLU A 189 -12.03 12.40 -2.93
CA GLU A 189 -12.27 11.57 -4.11
C GLU A 189 -12.82 12.33 -5.30
N GLY A 190 -13.76 13.25 -5.06
CA GLY A 190 -14.29 14.07 -6.17
C GLY A 190 -13.43 15.23 -6.66
N GLY A 191 -12.20 15.39 -6.14
CA GLY A 191 -11.33 16.52 -6.49
C GLY A 191 -11.65 17.78 -5.70
N PHE A 192 -10.68 18.68 -5.54
CA PHE A 192 -10.92 20.00 -4.92
C PHE A 192 -11.84 20.83 -5.80
N SER A 193 -12.78 21.54 -5.18
CA SER A 193 -13.62 22.52 -5.90
C SER A 193 -12.80 23.77 -6.25
N GLU A 194 -13.30 24.63 -7.14
CA GLU A 194 -12.63 25.90 -7.45
C GLU A 194 -12.26 26.72 -6.20
N LYS A 195 -13.24 27.02 -5.34
CA LYS A 195 -12.98 27.72 -4.06
C LYS A 195 -11.90 27.05 -3.24
N GLU A 196 -11.90 25.72 -3.19
CA GLU A 196 -10.88 24.98 -2.45
C GLU A 196 -9.49 25.06 -3.06
N ARG A 197 -9.41 25.03 -4.39
CA ARG A 197 -8.12 25.15 -5.08
C ARG A 197 -7.51 26.53 -4.79
N GLU A 198 -8.35 27.56 -4.79
CA GLU A 198 -7.92 28.94 -4.45
C GLU A 198 -7.51 29.12 -2.97
N LEU A 199 -8.39 28.72 -2.09
CA LEU A 199 -8.12 28.76 -0.65
C LEU A 199 -6.84 28.03 -0.27
N LEU A 200 -6.67 26.81 -0.75
CA LEU A 200 -5.48 26.03 -0.43
C LEU A 200 -4.18 26.60 -0.98
N ARG A 201 -4.23 27.26 -2.14
CA ARG A 201 -3.08 27.96 -2.68
C ARG A 201 -2.71 29.22 -1.94
N SER A 202 -3.68 29.80 -1.22
CA SER A 202 -3.44 30.99 -0.42
C SER A 202 -2.74 30.75 0.90
N SER A 203 -2.68 29.50 1.37
CA SER A 203 -2.11 29.17 2.68
C SER A 203 -1.30 27.89 2.75
N THR A 204 -1.18 27.16 1.65
CA THR A 204 -0.43 25.91 1.62
C THR A 204 0.53 25.93 0.42
N THR A 205 1.34 24.87 0.38
CA THR A 205 2.29 24.57 -0.68
C THR A 205 1.74 23.35 -1.42
N ILE A 206 1.34 23.58 -2.66
CA ILE A 206 0.84 22.52 -3.51
C ILE A 206 2.01 21.71 -4.05
N VAL A 207 2.00 20.39 -3.91
CA VAL A 207 3.15 19.59 -4.41
C VAL A 207 2.92 19.00 -5.80
N LEU A 214 -1.90 5.88 -10.62
CA LEU A 214 -1.78 4.99 -9.44
C LEU A 214 -3.11 4.78 -8.67
N ARG A 215 -3.41 3.54 -8.30
CA ARG A 215 -4.56 3.24 -7.44
C ARG A 215 -4.47 4.02 -6.12
N PHE A 216 -5.64 4.27 -5.54
CA PHE A 216 -5.81 5.16 -4.40
C PHE A 216 -4.99 4.71 -3.21
N GLU A 217 -5.05 3.42 -2.92
CA GLU A 217 -4.37 2.85 -1.79
C GLU A 217 -2.87 2.83 -1.92
N THR A 218 -2.41 2.49 -3.13
CA THR A 218 -0.98 2.57 -3.50
C THR A 218 -0.41 4.00 -3.35
N ALA A 219 -1.10 4.96 -3.94
CA ALA A 219 -0.77 6.38 -3.85
C ALA A 219 -0.76 6.92 -2.45
N ALA A 220 -1.69 6.47 -1.63
CA ALA A 220 -1.82 6.99 -0.29
C ALA A 220 -0.63 6.53 0.56
N ILE A 221 -0.27 5.27 0.42
CA ILE A 221 0.87 4.66 1.13
C ILE A 221 2.21 5.23 0.65
N LEU A 222 2.39 5.31 -0.64
CA LEU A 222 3.62 5.84 -1.17
C LEU A 222 3.81 7.27 -0.73
N THR A 223 2.75 8.08 -0.72
CA THR A 223 2.92 9.49 -0.43
C THR A 223 3.08 9.78 1.06
N VAL A 224 2.13 9.37 1.90
CA VAL A 224 2.28 9.51 3.33
C VAL A 224 3.47 8.74 3.87
N GLY A 225 3.75 7.57 3.33
CA GLY A 225 4.93 6.82 3.72
C GLY A 225 6.26 7.49 3.43
N TYR A 226 6.37 8.10 2.27
CA TYR A 226 7.57 8.80 1.89
C TYR A 226 7.79 9.96 2.86
N ILE A 227 6.77 10.75 3.09
CA ILE A 227 6.88 11.86 4.05
C ILE A 227 7.29 11.33 5.43
N ALA A 228 6.63 10.27 5.91
CA ALA A 228 6.94 9.69 7.24
C ALA A 228 8.34 9.21 7.31
N LEU A 229 8.75 8.55 6.25
CA LEU A 229 10.08 8.04 6.15
C LEU A 229 11.07 9.20 6.08
N LYS A 230 10.79 10.25 5.31
CA LYS A 230 11.75 11.36 5.24
C LYS A 230 11.85 12.09 6.57
N LYS A 231 10.73 12.24 7.28
CA LYS A 231 10.73 12.79 8.64
C LYS A 231 11.12 11.82 9.76
N GLN A 232 11.42 10.59 9.40
CA GLN A 232 11.90 9.59 10.32
C GLN A 232 10.89 9.24 11.39
N LYS A 233 9.62 9.26 10.99
CA LYS A 233 8.52 8.88 11.87
C LYS A 233 8.25 7.37 11.77
N ILE A 234 8.88 6.76 10.76
CA ILE A 234 8.98 5.31 10.62
C ILE A 234 10.42 4.97 10.19
N PRO B 14 -14.69 3.15 -19.64
CA PRO B 14 -13.80 2.76 -20.77
C PRO B 14 -12.91 1.54 -20.46
N HIS B 15 -13.36 0.34 -20.82
CA HIS B 15 -12.60 -0.89 -20.56
C HIS B 15 -11.56 -1.21 -21.66
N LEU B 16 -10.44 -1.79 -21.26
CA LEU B 16 -9.37 -2.16 -22.20
C LEU B 16 -9.18 -3.68 -22.19
N PHE B 17 -9.41 -4.30 -23.35
CA PHE B 17 -9.31 -5.74 -23.52
C PHE B 17 -7.91 -6.14 -24.00
N TYR B 18 -7.65 -7.45 -23.99
CA TYR B 18 -6.34 -7.99 -24.31
C TYR B 18 -6.45 -9.13 -25.30
N GLY B 19 -5.68 -9.08 -26.38
CA GLY B 19 -5.75 -10.11 -27.40
C GLY B 19 -4.50 -10.12 -28.22
N THR B 20 -4.54 -10.93 -29.30
CA THR B 20 -3.43 -11.11 -30.22
C THR B 20 -3.79 -10.54 -31.56
N ALA B 21 -2.98 -9.61 -32.05
CA ALA B 21 -3.25 -8.97 -33.33
C ALA B 21 -2.57 -9.77 -34.42
N GLN B 22 -3.30 -9.98 -35.52
CA GLN B 22 -2.78 -10.69 -36.70
C GLN B 22 -3.72 -10.49 -37.88
N ASN B 23 -3.16 -10.28 -39.07
CA ASN B 23 -3.98 -10.27 -40.28
C ASN B 23 -5.22 -9.36 -40.21
N GLY B 24 -5.02 -8.17 -39.60
CA GLY B 24 -6.09 -7.17 -39.51
C GLY B 24 -7.16 -7.40 -38.44
N GLU B 25 -7.01 -8.45 -37.62
CA GLU B 25 -7.94 -8.68 -36.54
C GLU B 25 -7.23 -8.85 -35.19
N VAL B 26 -7.98 -8.68 -34.11
CA VAL B 26 -7.51 -9.04 -32.80
C VAL B 26 -8.39 -10.22 -32.38
N ILE B 27 -7.76 -11.30 -31.96
CA ILE B 27 -8.49 -12.47 -31.45
C ILE B 27 -8.31 -12.57 -29.96
N PHE B 28 -9.36 -13.03 -29.29
CA PHE B 28 -9.42 -13.02 -27.83
C PHE B 28 -9.74 -14.40 -27.29
N ASP B 29 -9.10 -14.78 -26.20
CA ASP B 29 -9.32 -16.08 -25.57
C ASP B 29 -10.59 -16.14 -24.71
N GLU B 30 -10.82 -17.28 -24.06
CA GLU B 30 -12.09 -17.50 -23.35
C GLU B 30 -12.28 -16.53 -22.21
N ARG B 31 -11.18 -16.25 -21.53
CA ARG B 31 -11.17 -15.34 -20.41
C ARG B 31 -11.68 -13.97 -20.81
N GLU B 32 -11.20 -13.45 -21.94
CA GLU B 32 -11.65 -12.12 -22.41
C GLU B 32 -13.09 -12.12 -22.85
N ALA B 33 -13.51 -13.16 -23.57
CA ALA B 33 -14.90 -13.22 -24.03
C ALA B 33 -15.88 -13.18 -22.85
N HIS B 34 -15.54 -13.82 -21.74
CA HIS B 34 -16.38 -13.76 -20.55
C HIS B 34 -16.46 -12.34 -20.00
N HIS B 35 -15.35 -11.60 -20.07
CA HIS B 35 -15.25 -10.24 -19.52
C HIS B 35 -16.07 -9.31 -20.38
N ARG B 37 -18.85 -10.32 -22.20
CA ARG B 37 -20.24 -10.67 -21.84
C ARG B 37 -20.71 -10.09 -20.52
N VAL B 38 -19.78 -9.88 -19.59
CA VAL B 38 -20.06 -9.20 -18.33
C VAL B 38 -20.38 -7.72 -18.57
N VAL B 39 -19.53 -7.02 -19.32
CA VAL B 39 -19.81 -5.65 -19.78
C VAL B 39 -20.96 -5.64 -20.82
N ARG B 40 -21.39 -6.82 -21.24
CA ARG B 40 -22.59 -7.02 -22.07
C ARG B 40 -22.42 -6.33 -23.44
N LEU B 41 -21.24 -6.49 -24.03
CA LEU B 41 -20.96 -6.01 -25.38
C LEU B 41 -21.60 -6.92 -26.40
N LYS B 42 -21.64 -6.45 -27.63
CA LYS B 42 -22.25 -7.17 -28.74
C LYS B 42 -21.55 -6.86 -30.07
N GLU B 43 -21.86 -7.67 -31.09
CA GLU B 43 -21.33 -7.50 -32.43
C GLU B 43 -21.75 -6.16 -33.02
N GLY B 44 -20.77 -5.34 -33.35
CA GLY B 44 -21.01 -4.00 -33.86
C GLY B 44 -20.29 -2.96 -33.01
N ASP B 45 -20.12 -3.26 -31.73
CA ASP B 45 -19.53 -2.32 -30.77
C ASP B 45 -18.05 -2.04 -31.06
N VAL B 46 -17.64 -0.77 -30.99
CA VAL B 46 -16.24 -0.39 -31.10
C VAL B 46 -15.52 -0.52 -29.75
N ILE B 47 -14.36 -1.17 -29.76
CA ILE B 47 -13.63 -1.47 -28.51
C ILE B 47 -12.16 -1.19 -28.68
N GLU B 48 -11.45 -1.16 -27.54
CA GLU B 48 -10.03 -0.97 -27.52
C GLU B 48 -9.37 -2.19 -26.89
N ALA B 49 -8.37 -2.72 -27.58
CA ALA B 49 -7.52 -3.81 -27.07
C ALA B 49 -6.07 -3.40 -27.09
N THR B 50 -5.26 -4.11 -26.30
CA THR B 50 -3.81 -4.07 -26.40
C THR B 50 -3.28 -5.46 -26.62
N ASP B 51 -2.12 -5.55 -27.24
CA ASP B 51 -1.44 -6.84 -27.36
C ASP B 51 -0.46 -7.08 -26.20
N GLY B 52 -0.32 -6.12 -25.30
CA GLY B 52 0.71 -6.21 -24.26
C GLY B 52 2.14 -5.93 -24.69
N ASN B 53 2.36 -5.53 -25.94
CA ASN B 53 3.70 -5.10 -26.38
C ASN B 53 3.75 -3.63 -26.76
N GLY B 54 2.85 -2.85 -26.17
CA GLY B 54 2.87 -1.39 -26.34
C GLY B 54 1.87 -0.84 -27.33
N PHE B 55 1.13 -1.71 -28.00
CA PHE B 55 0.20 -1.22 -28.99
C PHE B 55 -1.22 -1.20 -28.51
N SER B 56 -1.94 -0.21 -29.04
CA SER B 56 -3.36 -0.06 -28.83
C SER B 56 -4.09 -0.30 -30.16
N TYR B 57 -5.18 -1.06 -30.11
CA TYR B 57 -6.00 -1.29 -31.30
C TYR B 57 -7.45 -0.85 -31.05
N THR B 58 -7.96 -0.01 -31.93
CA THR B 58 -9.36 0.35 -31.92
C THR B 58 -9.99 -0.56 -32.94
N CYS B 59 -11.00 -1.31 -32.50
CA CYS B 59 -11.59 -2.40 -33.28
C CYS B 59 -13.12 -2.40 -33.25
N ILE B 60 -13.71 -3.04 -34.26
CA ILE B 60 -15.13 -3.33 -34.28
C ILE B 60 -15.33 -4.82 -34.01
N LEU B 61 -16.07 -5.13 -32.95
CA LEU B 61 -16.34 -6.52 -32.56
C LEU B 61 -17.16 -7.21 -33.65
N LYS B 62 -16.71 -8.39 -34.08
CA LYS B 62 -17.45 -9.18 -35.10
C LYS B 62 -18.12 -10.37 -34.43
N SER B 63 -17.32 -11.21 -33.77
CA SER B 63 -17.79 -12.42 -33.10
C SER B 63 -17.57 -12.29 -31.62
N LEU B 64 -18.58 -12.69 -30.85
CA LEU B 64 -18.42 -12.96 -29.43
C LEU B 64 -19.14 -14.27 -29.17
N LYS B 65 -18.37 -15.30 -28.82
CA LYS B 65 -18.89 -16.65 -28.67
C LYS B 65 -18.47 -17.12 -27.27
N LYS B 66 -18.84 -18.35 -26.87
CA LYS B 66 -18.53 -18.84 -25.52
C LYS B 66 -17.04 -18.72 -25.18
N LYS B 67 -16.20 -19.43 -25.95
CA LYS B 67 -14.79 -19.60 -25.59
C LYS B 67 -13.82 -18.68 -26.38
N THR B 68 -14.36 -17.78 -27.22
CA THR B 68 -13.53 -16.90 -28.08
C THR B 68 -14.28 -15.64 -28.57
N ALA B 69 -13.51 -14.69 -29.12
CA ALA B 69 -14.04 -13.51 -29.83
C ALA B 69 -13.02 -12.98 -30.84
N ALA B 70 -13.44 -12.08 -31.70
CA ALA B 70 -12.58 -11.49 -32.74
C ALA B 70 -13.15 -10.15 -33.14
N ALA B 71 -12.28 -9.19 -33.36
CA ALA B 71 -12.70 -7.85 -33.73
C ALA B 71 -11.80 -7.36 -34.83
N LYS B 72 -12.37 -6.56 -35.74
CA LYS B 72 -11.61 -6.04 -36.86
C LYS B 72 -10.89 -4.77 -36.39
N ILE B 73 -9.61 -4.68 -36.70
CA ILE B 73 -8.80 -3.46 -36.39
C ILE B 73 -9.18 -2.29 -37.35
N VAL B 74 -9.41 -1.10 -36.77
CA VAL B 74 -9.60 0.16 -37.51
C VAL B 74 -8.33 0.98 -37.38
N LYS B 75 -7.83 1.14 -36.14
CA LYS B 75 -6.72 2.05 -35.87
C LYS B 75 -5.75 1.37 -34.94
N VAL B 76 -4.46 1.62 -35.16
CA VAL B 76 -3.39 1.18 -34.26
C VAL B 76 -2.64 2.42 -33.82
N GLU B 77 -2.33 2.49 -32.54
CA GLU B 77 -1.38 3.47 -32.03
C GLU B 77 -0.37 2.73 -31.17
N GLU B 78 0.91 2.95 -31.43
CA GLU B 78 1.98 2.59 -30.51
C GLU B 78 1.87 3.50 -29.29
N LYS B 79 1.65 2.90 -28.13
CA LYS B 79 1.37 3.63 -26.90
C LYS B 79 2.57 3.69 -25.95
N GLU B 80 3.42 2.65 -25.96
CA GLU B 80 4.59 2.59 -25.06
C GLU B 80 5.71 1.86 -25.79
N LYS B 81 6.95 2.38 -25.67
CA LYS B 81 8.12 1.66 -26.26
C LYS B 81 8.96 1.02 -25.17
N GLU B 82 9.81 0.05 -25.54
CA GLU B 82 10.69 -0.61 -24.58
C GLU B 82 11.60 0.43 -23.96
N PRO B 83 11.76 0.38 -22.63
CA PRO B 83 12.60 1.39 -21.98
C PRO B 83 14.09 1.06 -22.16
N THR B 84 14.93 2.08 -22.20
CA THR B 84 16.37 1.89 -22.28
C THR B 84 16.94 1.41 -20.96
N GLU B 85 16.47 1.93 -19.82
CA GLU B 85 16.89 1.35 -18.55
C GLU B 85 15.76 0.67 -17.76
N LYS B 86 16.00 -0.59 -17.44
CA LYS B 86 14.95 -1.45 -16.93
C LYS B 86 14.98 -1.42 -15.41
N LEU B 87 13.78 -1.50 -14.84
CA LEU B 87 13.58 -1.79 -13.43
C LEU B 87 13.13 -3.25 -13.31
N SER B 88 13.92 -4.05 -12.59
CA SER B 88 13.64 -5.48 -12.41
C SER B 88 13.35 -5.74 -10.93
N VAL B 89 12.44 -6.68 -10.66
CA VAL B 89 12.15 -7.09 -9.30
C VAL B 89 12.22 -8.61 -9.21
N VAL B 90 12.89 -9.11 -8.18
CA VAL B 90 12.84 -10.55 -7.84
C VAL B 90 11.75 -10.74 -6.82
N VAL B 91 10.70 -11.44 -7.25
CA VAL B 91 9.52 -11.80 -6.45
C VAL B 91 9.70 -13.23 -5.88
N PRO B 92 9.61 -13.36 -4.56
CA PRO B 92 9.70 -14.69 -3.98
C PRO B 92 8.47 -15.53 -4.33
N ILE B 93 8.73 -16.80 -4.69
CA ILE B 93 7.73 -17.82 -4.87
C ILE B 93 7.30 -18.29 -3.49
N GLY B 94 6.11 -17.83 -3.06
CA GLY B 94 5.60 -18.06 -1.70
C GLY B 94 4.08 -18.18 -1.73
N ARG B 95 3.45 -17.96 -0.59
CA ARG B 95 2.01 -18.07 -0.50
C ARG B 95 1.36 -17.22 -1.53
N TRP B 96 0.33 -17.78 -2.17
CA TRP B 96 -0.22 -17.13 -3.36
C TRP B 96 -0.73 -15.70 -3.12
N GLU B 97 -1.31 -15.44 -1.98
CA GLU B 97 -1.87 -14.11 -1.70
C GLU B 97 -0.74 -13.03 -1.66
N ARG B 98 0.45 -13.42 -1.17
CA ARG B 98 1.60 -12.50 -1.17
C ARG B 98 2.11 -12.35 -2.58
N THR B 99 2.28 -13.47 -3.30
CA THR B 99 2.81 -13.48 -4.67
C THR B 99 1.93 -12.70 -5.62
N ARG B 100 0.62 -12.88 -5.54
CA ARG B 100 -0.28 -12.19 -6.44
C ARG B 100 -0.17 -10.68 -6.21
N PHE B 101 -0.16 -10.28 -4.93
CA PHE B 101 0.02 -8.88 -4.50
C PHE B 101 1.29 -8.25 -5.05
N LEU B 102 2.41 -8.95 -4.94
CA LEU B 102 3.67 -8.40 -5.39
C LEU B 102 3.70 -8.22 -6.90
N ILE B 103 3.26 -9.24 -7.64
CA ILE B 103 3.09 -9.11 -9.07
C ILE B 103 2.18 -7.95 -9.49
N GLU B 104 1.06 -7.76 -8.81
CA GLU B 104 0.12 -6.68 -9.15
C GLU B 104 0.75 -5.32 -8.97
N LYS B 105 1.48 -5.19 -7.88
CA LYS B 105 2.24 -3.96 -7.57
C LYS B 105 3.35 -3.70 -8.51
N CYS B 106 4.02 -4.75 -8.96
CA CYS B 106 5.02 -4.58 -10.02
C CYS B 106 4.46 -4.01 -11.33
N VAL B 107 3.29 -4.47 -11.75
CA VAL B 107 2.61 -3.85 -12.92
C VAL B 107 2.32 -2.41 -12.64
N GLU B 108 1.71 -2.19 -11.50
CA GLU B 108 1.29 -0.87 -11.11
C GLU B 108 2.37 0.18 -11.04
N LEU B 109 3.53 -0.21 -10.52
CA LEU B 109 4.65 0.67 -10.22
C LEU B 109 5.68 0.74 -11.33
N GLY B 110 5.31 0.32 -12.51
CA GLY B 110 6.20 0.48 -13.66
C GLY B 110 7.43 -0.42 -13.74
N VAL B 111 7.44 -1.50 -12.99
CA VAL B 111 8.48 -2.51 -13.17
C VAL B 111 8.42 -3.12 -14.57
N ASP B 112 9.61 -3.28 -15.18
CA ASP B 112 9.76 -3.83 -16.56
C ASP B 112 9.93 -5.35 -16.63
N GLU B 113 10.59 -5.94 -15.62
CA GLU B 113 10.80 -7.40 -15.55
C GLU B 113 10.59 -7.98 -14.15
N ILE B 114 9.79 -9.04 -14.07
CA ILE B 114 9.59 -9.80 -12.84
C ILE B 114 10.36 -11.16 -12.95
N PHE B 115 11.10 -11.48 -11.89
CA PHE B 115 11.86 -12.73 -11.78
C PHE B 115 11.37 -13.47 -10.56
N PHE B 116 10.91 -14.71 -10.79
CA PHE B 116 10.42 -15.55 -9.71
C PHE B 116 11.48 -16.48 -9.16
N HIS B 117 11.81 -16.28 -7.89
CA HIS B 117 12.78 -17.11 -7.21
C HIS B 117 12.20 -17.84 -5.97
N LYS B 118 12.51 -19.11 -5.85
CA LYS B 118 12.17 -19.87 -4.69
C LYS B 118 13.36 -19.83 -3.69
N PHE B 119 13.19 -19.05 -2.63
CA PHE B 119 14.25 -18.90 -1.61
C PHE B 119 14.31 -20.18 -0.82
N GLU B 120 15.42 -20.38 -0.09
CA GLU B 120 15.68 -21.68 0.56
C GLU B 120 14.60 -22.06 1.56
N ARG B 121 14.03 -21.09 2.26
CA ARG B 121 12.98 -21.38 3.24
C ARG B 121 11.55 -21.58 2.72
N SER B 122 11.34 -21.48 1.40
CA SER B 122 10.00 -21.68 0.81
C SER B 122 9.93 -23.03 0.14
N GLN B 123 8.78 -23.71 0.26
CA GLN B 123 8.54 -24.92 -0.54
C GLN B 123 7.48 -24.72 -1.57
N HIS B 124 7.15 -23.47 -1.89
CA HIS B 124 6.12 -23.18 -2.83
C HIS B 124 6.63 -23.28 -4.26
N GLU B 125 5.66 -23.27 -5.16
CA GLU B 125 5.87 -23.27 -6.60
C GLU B 125 4.94 -22.23 -7.14
N ILE B 126 5.23 -21.77 -8.34
CA ILE B 126 4.35 -20.87 -9.10
C ILE B 126 4.10 -21.42 -10.50
N SER B 127 2.85 -21.27 -10.95
CA SER B 127 2.49 -21.48 -12.35
C SER B 127 2.73 -20.16 -13.13
N LEU B 128 3.67 -20.20 -14.07
CA LEU B 128 3.99 -19.04 -14.85
C LEU B 128 2.83 -18.57 -15.69
N ASP B 129 1.96 -19.47 -16.13
CA ASP B 129 0.74 -19.05 -16.82
C ASP B 129 -0.23 -18.31 -15.92
N LYS B 130 -0.28 -18.67 -14.63
CA LYS B 130 -1.13 -17.97 -13.69
C LYS B 130 -0.59 -16.59 -13.44
N ALA B 131 0.73 -16.46 -13.32
CA ALA B 131 1.36 -15.18 -13.08
C ALA B 131 1.09 -14.21 -14.27
N LYS B 132 1.18 -14.72 -15.48
CA LYS B 132 0.80 -13.94 -16.65
C LYS B 132 -0.65 -13.47 -16.66
N ILE B 133 -1.57 -14.29 -16.20
CA ILE B 133 -2.94 -13.80 -16.05
C ILE B 133 -3.04 -12.64 -15.03
N VAL B 134 -2.27 -12.70 -13.95
CA VAL B 134 -2.35 -11.67 -12.91
C VAL B 134 -1.80 -10.40 -13.53
N VAL B 135 -0.68 -10.51 -14.23
CA VAL B 135 -0.12 -9.37 -15.00
C VAL B 135 -1.11 -8.78 -16.02
N ARG B 136 -1.69 -9.64 -16.82
CA ARG B 136 -2.68 -9.20 -17.79
C ARG B 136 -3.80 -8.43 -17.08
N GLU B 137 -4.41 -9.00 -16.06
CA GLU B 137 -5.60 -8.39 -15.49
C GLU B 137 -5.24 -7.07 -14.85
N ALA B 138 -4.09 -7.02 -14.16
CA ALA B 138 -3.59 -5.75 -13.57
C ALA B 138 -3.30 -4.68 -14.63
N ALA B 139 -2.58 -5.04 -15.66
CA ALA B 139 -2.29 -4.12 -16.75
C ALA B 139 -3.56 -3.59 -17.41
N LYS B 140 -4.56 -4.45 -17.63
CA LYS B 140 -5.81 -3.97 -18.26
C LYS B 140 -6.43 -2.91 -17.37
N GLN B 141 -6.37 -3.12 -16.06
CA GLN B 141 -6.86 -2.12 -15.11
C GLN B 141 -6.01 -0.81 -15.07
N CYS B 142 -4.69 -0.92 -15.16
CA CYS B 142 -3.81 0.28 -15.07
C CYS B 142 -3.58 0.95 -16.41
N LYS B 143 -4.16 0.36 -17.47
CA LYS B 143 -4.00 0.78 -18.84
C LYS B 143 -2.53 0.83 -19.20
N ARG B 144 -1.86 -0.29 -18.95
CA ARG B 144 -0.44 -0.43 -19.24
C ARG B 144 -0.27 -1.30 -20.49
N TYR B 145 0.15 -0.68 -21.60
CA TYR B 145 0.12 -1.29 -22.92
C TYR B 145 1.30 -2.23 -23.16
N LEU B 146 2.40 -1.96 -22.47
CA LEU B 146 3.59 -2.82 -22.55
C LEU B 146 3.70 -3.53 -21.22
N PHE B 147 3.43 -4.83 -21.21
CA PHE B 147 3.31 -5.59 -19.96
C PHE B 147 4.74 -5.89 -19.49
N PRO B 148 4.98 -6.01 -18.15
CA PRO B 148 6.25 -6.58 -17.72
C PRO B 148 6.39 -8.03 -18.19
N LYS B 149 7.64 -8.42 -18.44
CA LYS B 149 7.97 -9.78 -18.74
C LYS B 149 8.06 -10.54 -17.42
N VAL B 150 7.85 -11.86 -17.45
CA VAL B 150 8.00 -12.74 -16.29
C VAL B 150 8.97 -13.88 -16.65
N SER B 151 9.86 -14.22 -15.71
CA SER B 151 10.85 -15.25 -15.89
C SER B 151 11.06 -15.97 -14.55
N PHE B 152 11.64 -17.16 -14.63
CA PHE B 152 12.17 -17.83 -13.46
C PHE B 152 13.60 -17.37 -13.27
N LEU B 153 14.11 -17.43 -12.04
CA LEU B 153 15.50 -17.06 -11.77
C LEU B 153 16.10 -18.17 -10.94
N GLU B 154 17.16 -18.81 -11.41
CA GLU B 154 17.71 -19.93 -10.65
C GLU B 154 18.60 -19.49 -9.46
N LYS B 155 19.41 -18.46 -9.67
CA LYS B 155 20.44 -18.09 -8.71
C LYS B 155 20.35 -16.61 -8.39
N LEU B 156 20.64 -16.28 -7.13
CA LEU B 156 20.75 -14.89 -6.74
C LEU B 156 22.11 -14.33 -7.19
N GLU B 157 22.24 -14.24 -8.50
CA GLU B 157 23.40 -13.68 -9.15
C GLU B 157 22.92 -12.61 -10.12
N PHE B 158 23.57 -11.47 -10.12
CA PHE B 158 23.09 -10.32 -10.86
C PHE B 158 24.25 -9.51 -11.39
N SER B 159 23.90 -8.60 -12.28
CA SER B 159 24.77 -7.51 -12.62
C SER B 159 24.10 -6.15 -12.34
N GLY B 160 24.94 -5.17 -12.12
CA GLY B 160 24.50 -3.82 -11.90
C GLY B 160 24.10 -3.58 -10.47
N ASN B 161 23.38 -2.48 -10.30
CA ASN B 161 22.92 -2.01 -9.01
C ASN B 161 21.81 -2.93 -8.51
N VAL B 162 22.01 -3.59 -7.37
CA VAL B 162 20.96 -4.36 -6.72
C VAL B 162 20.66 -3.83 -5.33
N ILE B 163 19.38 -3.75 -5.02
CA ILE B 163 18.86 -3.32 -3.73
C ILE B 163 18.05 -4.47 -3.15
N THR B 164 18.35 -4.87 -1.91
CA THR B 164 17.61 -5.97 -1.26
C THR B 164 16.68 -5.41 -0.18
N LEU B 165 15.39 -5.69 -0.32
CA LEU B 165 14.41 -5.47 0.73
C LEU B 165 14.33 -6.67 1.71
N ASP B 166 15.03 -6.54 2.82
CA ASP B 166 14.95 -7.47 3.94
C ASP B 166 13.70 -7.08 4.75
N LEU B 167 12.71 -7.97 4.75
CA LEU B 167 11.43 -7.64 5.36
C LEU B 167 11.50 -7.65 6.88
N ASP B 168 12.46 -8.40 7.44
CA ASP B 168 12.62 -8.52 8.90
C ASP B 168 13.48 -7.38 9.52
N ALA B 169 14.04 -6.51 8.67
CA ALA B 169 14.72 -5.29 9.13
C ALA B 169 14.59 -4.16 8.09
N SER B 170 14.20 -2.96 8.52
CA SER B 170 14.37 -1.78 7.65
C SER B 170 15.81 -1.27 7.80
N GLN B 171 16.38 -0.81 6.69
CA GLN B 171 17.68 -0.16 6.67
C GLN B 171 17.38 1.11 5.91
N ASN B 172 18.39 1.95 5.69
CA ASN B 172 18.09 3.22 5.05
C ASN B 172 17.92 3.19 3.52
N LEU B 173 16.66 3.26 3.11
CA LEU B 173 16.27 3.30 1.72
C LEU B 173 16.67 4.59 1.08
N LEU B 174 16.44 5.69 1.77
CA LEU B 174 16.68 7.00 1.22
C LEU B 174 18.15 7.35 1.06
N ASP B 175 19.03 6.61 1.72
CA ASP B 175 20.48 6.79 1.55
C ASP B 175 20.99 6.03 0.31
N ALA B 176 20.27 5.00 -0.11
CA ALA B 176 20.76 4.08 -1.16
C ALA B 176 21.07 4.79 -2.48
N ASN B 177 22.15 4.34 -3.12
CA ASN B 177 22.44 4.79 -4.47
C ASN B 177 21.56 4.09 -5.48
N LEU B 178 20.99 4.87 -6.39
CA LEU B 178 20.02 4.35 -7.35
C LEU B 178 20.48 4.59 -8.81
N GLU B 179 21.75 4.91 -9.00
CA GLU B 179 22.33 5.06 -10.33
C GLU B 179 22.17 3.82 -11.23
N GLY B 180 21.76 4.09 -12.47
CA GLY B 180 21.68 3.10 -13.51
C GLY B 180 20.50 2.17 -13.33
N SER B 181 20.46 1.13 -14.17
CA SER B 181 19.58 -0.02 -14.05
C SER B 181 19.49 -0.65 -12.64
N ILE B 182 18.29 -0.86 -12.09
CA ILE B 182 18.21 -1.46 -10.73
C ILE B 182 17.40 -2.72 -10.72
N THR B 183 17.93 -3.75 -10.01
CA THR B 183 17.17 -4.91 -9.55
C THR B 183 16.83 -4.77 -8.07
N VAL B 184 15.54 -4.88 -7.73
CA VAL B 184 15.10 -4.96 -6.34
C VAL B 184 14.75 -6.40 -6.02
N VAL B 185 15.31 -6.91 -4.93
CA VAL B 185 15.15 -8.30 -4.47
C VAL B 185 14.25 -8.22 -3.26
N VAL B 186 12.96 -8.54 -3.42
CA VAL B 186 12.04 -8.67 -2.28
C VAL B 186 12.29 -10.01 -1.52
N GLY B 187 12.52 -9.93 -0.24
CA GLY B 187 12.84 -11.12 0.55
C GLY B 187 11.67 -12.05 0.82
N PRO B 188 11.99 -13.32 1.11
CA PRO B 188 10.95 -14.30 1.38
C PRO B 188 10.29 -14.16 2.78
N GLU B 189 9.08 -14.71 2.90
CA GLU B 189 8.35 -14.61 4.16
C GLU B 189 9.06 -15.20 5.39
N GLY B 190 9.74 -16.33 5.24
CA GLY B 190 10.43 -16.97 6.36
C GLY B 190 11.83 -16.43 6.60
N GLY B 191 12.24 -15.42 5.83
CA GLY B 191 13.56 -14.78 6.00
C GLY B 191 14.61 -15.37 5.09
N PHE B 192 15.66 -14.60 4.81
CA PHE B 192 16.84 -15.13 4.14
C PHE B 192 17.51 -16.20 5.06
N SER B 193 17.97 -17.28 4.48
CA SER B 193 18.86 -18.19 5.17
C SER B 193 20.17 -17.43 5.30
N GLU B 194 21.13 -18.01 6.00
CA GLU B 194 22.41 -17.36 6.21
C GLU B 194 23.28 -17.39 4.94
N LYS B 195 23.14 -18.44 4.15
CA LYS B 195 23.79 -18.51 2.86
C LYS B 195 23.28 -17.39 1.95
N GLU B 196 21.95 -17.24 1.87
CA GLU B 196 21.36 -16.18 1.05
C GLU B 196 21.83 -14.80 1.51
N ARG B 197 21.88 -14.61 2.81
CA ARG B 197 22.21 -13.31 3.36
C ARG B 197 23.66 -12.96 3.05
N GLU B 198 24.57 -13.90 3.20
CA GLU B 198 25.96 -13.67 2.84
C GLU B 198 26.07 -13.31 1.39
N LEU B 199 25.38 -14.05 0.55
CA LEU B 199 25.38 -13.81 -0.88
C LEU B 199 24.88 -12.42 -1.25
N LEU B 200 23.85 -11.96 -0.56
CA LEU B 200 23.21 -10.66 -0.83
C LEU B 200 23.85 -9.45 -0.15
N ARG B 201 24.52 -9.67 0.99
CA ARG B 201 25.26 -8.59 1.65
C ARG B 201 26.44 -8.20 0.78
N SER B 202 27.17 -9.23 0.37
CA SER B 202 28.32 -9.11 -0.49
C SER B 202 28.06 -8.59 -1.89
N SER B 203 26.84 -8.64 -2.39
CA SER B 203 26.59 -8.28 -3.80
C SER B 203 25.57 -7.15 -4.01
N THR B 204 24.82 -6.81 -2.96
CA THR B 204 23.71 -5.87 -3.07
C THR B 204 23.74 -4.95 -1.89
N THR B 205 22.80 -4.01 -1.92
CA THR B 205 22.63 -2.99 -0.88
C THR B 205 21.32 -3.27 -0.11
N ILE B 206 21.39 -3.46 1.21
CA ILE B 206 20.21 -3.93 1.97
C ILE B 206 19.42 -2.83 2.76
N VAL B 207 18.08 -2.90 2.66
CA VAL B 207 17.16 -1.92 3.24
C VAL B 207 15.86 -2.58 3.82
N ILE B 213 9.49 -2.35 12.27
CA ILE B 213 9.37 -2.85 10.89
C ILE B 213 7.90 -2.81 10.42
N LEU B 214 7.68 -2.47 9.15
CA LEU B 214 6.31 -2.28 8.62
C LEU B 214 5.63 -3.59 8.15
N ARG B 215 4.29 -3.56 8.14
CA ARG B 215 3.42 -4.46 7.37
C ARG B 215 4.05 -4.75 6.01
N PHE B 216 4.15 -6.04 5.68
CA PHE B 216 4.62 -6.54 4.38
C PHE B 216 4.12 -5.67 3.19
N GLU B 217 2.81 -5.50 3.05
CA GLU B 217 2.26 -4.82 1.87
C GLU B 217 2.70 -3.37 1.80
N THR B 218 2.83 -2.73 2.96
CA THR B 218 3.29 -1.33 3.02
C THR B 218 4.77 -1.18 2.69
N ALA B 219 5.61 -1.99 3.30
CA ALA B 219 7.05 -1.99 2.99
C ALA B 219 7.35 -2.21 1.50
N ALA B 220 6.63 -3.14 0.88
CA ALA B 220 6.86 -3.45 -0.54
C ALA B 220 6.44 -2.31 -1.47
N ILE B 221 5.32 -1.68 -1.15
CA ILE B 221 4.85 -0.54 -1.94
C ILE B 221 5.77 0.62 -1.77
N LEU B 222 6.13 0.90 -0.53
CA LEU B 222 6.98 2.03 -0.24
C LEU B 222 8.36 1.86 -0.88
N THR B 223 8.90 0.66 -0.78
CA THR B 223 10.26 0.41 -1.29
C THR B 223 10.34 0.45 -2.80
N VAL B 224 9.52 -0.37 -3.46
CA VAL B 224 9.54 -0.43 -4.91
C VAL B 224 9.00 0.85 -5.49
N GLY B 225 8.01 1.41 -4.82
CA GLY B 225 7.40 2.66 -5.28
C GLY B 225 8.26 3.89 -5.19
N TYR B 226 9.04 4.00 -4.13
CA TYR B 226 10.02 5.06 -4.02
C TYR B 226 11.07 4.96 -5.13
N ILE B 227 11.60 3.77 -5.32
CA ILE B 227 12.57 3.52 -6.36
C ILE B 227 11.99 3.85 -7.75
N ALA B 228 10.80 3.38 -8.07
CA ALA B 228 10.15 3.68 -9.35
C ALA B 228 9.95 5.15 -9.56
N LEU B 229 9.56 5.84 -8.50
CA LEU B 229 9.44 7.30 -8.49
C LEU B 229 10.73 8.00 -8.86
N LYS B 230 11.79 7.64 -8.16
CA LYS B 230 13.14 8.21 -8.35
C LYS B 230 13.62 7.93 -9.78
N LYS B 231 13.36 6.73 -10.28
CA LYS B 231 13.69 6.34 -11.64
C LYS B 231 12.69 6.80 -12.70
N GLN B 232 11.68 7.53 -12.27
CA GLN B 232 10.60 7.98 -13.14
C GLN B 232 9.93 6.88 -13.94
N LYS B 233 9.81 5.70 -13.35
CA LYS B 233 8.98 4.64 -13.90
C LYS B 233 7.49 4.91 -13.64
N ILE B 234 7.22 5.71 -12.63
CA ILE B 234 5.90 6.33 -12.42
C ILE B 234 6.00 7.85 -12.18
#